data_5W6U
#
_entry.id   5W6U
#
_cell.length_a   166.080
_cell.length_b   166.080
_cell.length_c   166.080
_cell.angle_alpha   90.00
_cell.angle_beta   90.00
_cell.angle_gamma   90.00
#
_symmetry.space_group_name_H-M   'I 21 3'
#
loop_
_entity.id
_entity.type
_entity.pdbx_description
1 polymer Hemagglutinin
2 polymer Hemagglutinin
3 polymer ACE-ARG-ORN-LEU-GLU-TYR-PHE-GLU-TRP-LEU-SER-BAL
4 branched 2-acetamido-2-deoxy-beta-D-glucopyranose-(1-4)-2-acetamido-2-deoxy-beta-D-glucopyranose
5 non-polymer 2-acetamido-2-deoxy-beta-D-glucopyranose
6 water water
#
loop_
_entity_poly.entity_id
_entity_poly.type
_entity_poly.pdbx_seq_one_letter_code
_entity_poly.pdbx_strand_id
1 'polypeptide(L)'
;DTICIGYHANNSTDTVDTVLEKNVTVTHSVNLLEDSHNGKLCRLKGIAPLQLGKCNIAGWLLGNPECDPLLPVRSWSYIV
ETPNSENGICYPGDFIDYEELREQLSSVSSFERFEIFPKESSWPNHNTNGVTAACSHEGKSSFYRNLLWLTEKEGSYPKL
KNSYVNKKGKEVLVLWGIHHPPNSKEQQNLYQNENAYVSVVTSNYNRRFTPEIAERPKVRDQAGRMNYYWTLLKPGDTII
FEANGNLIAPMYAFALSRGFGSGIITSNASMHECNTKCQTPLGAINSSLPYQNIHPVTIGECPKYVRSAKLRMVTGLRNI
PSIQSR
;
A
2 'polypeptide(L)'
;GLFGAIAGFIEGGWTGMIDGWYGYHHQNEQGSGYAADQKSTQNAINGITNKVNTVIEKMNIQFTAVGKEFNKLEKRMENL
NKKVDDGFLDIWTYNAELLVLLENERTLDFHDSNVKNLYEKVKSQLKNNAKEIGNGCFEFYHKCDNECMESVRNGTYDYP
KYSEESKLNREKVDGV
;
B
3 'polypeptide(L)' (ACE)R(ORN)LEYFEWLS(BAL) D
#
# COMPACT_ATOMS: atom_id res chain seq x y z
N ASP A 1 -28.51 15.97 -52.15
CA ASP A 1 -28.59 15.08 -51.00
C ASP A 1 -27.22 14.54 -50.63
N THR A 2 -26.90 14.59 -49.33
CA THR A 2 -25.56 14.22 -48.86
C THR A 2 -25.58 13.38 -47.60
N ILE A 3 -24.58 12.51 -47.47
CA ILE A 3 -24.33 11.84 -46.20
C ILE A 3 -22.84 11.91 -45.88
N CYS A 4 -22.52 12.18 -44.62
CA CYS A 4 -21.14 12.32 -44.19
C CYS A 4 -20.81 11.33 -43.09
N ILE A 5 -19.56 10.91 -43.03
CA ILE A 5 -19.05 10.06 -41.96
C ILE A 5 -18.16 10.91 -41.05
N GLY A 6 -18.34 10.77 -39.75
CA GLY A 6 -17.56 11.56 -38.82
C GLY A 6 -17.36 10.89 -37.49
N TYR A 7 -16.89 11.62 -36.50
CA TYR A 7 -16.67 11.04 -35.19
C TYR A 7 -16.99 11.98 -34.07
N HIS A 8 -17.15 11.40 -32.90
CA HIS A 8 -17.48 12.13 -31.70
C HIS A 8 -16.56 13.22 -31.29
N ALA A 9 -17.12 14.16 -30.56
CA ALA A 9 -16.36 15.26 -30.05
C ALA A 9 -17.14 15.79 -28.89
N ASN A 10 -16.42 16.33 -27.95
CA ASN A 10 -17.06 16.89 -26.81
C ASN A 10 -16.16 17.93 -26.24
N ASN A 11 -16.63 18.52 -25.17
CA ASN A 11 -16.00 19.64 -24.50
C ASN A 11 -14.84 19.27 -23.56
N SER A 12 -14.58 17.97 -23.41
CA SER A 12 -13.57 17.48 -22.47
C SER A 12 -12.21 18.16 -22.62
N THR A 13 -11.51 18.34 -21.50
CA THR A 13 -10.17 18.91 -21.53
C THR A 13 -9.13 17.97 -20.97
N ASP A 14 -9.48 16.68 -20.89
CA ASP A 14 -8.54 15.65 -20.46
C ASP A 14 -7.38 15.54 -21.43
N THR A 15 -6.16 15.47 -20.91
CA THR A 15 -4.99 15.31 -21.77
C THR A 15 -4.22 14.05 -21.40
N VAL A 16 -3.71 13.35 -22.41
CA VAL A 16 -2.88 12.17 -22.17
C VAL A 16 -1.60 12.27 -22.97
N ASP A 17 -0.61 11.48 -22.60
CA ASP A 17 0.63 11.46 -23.37
C ASP A 17 0.70 10.18 -24.20
N THR A 18 1.36 10.28 -25.35
CA THR A 18 1.66 9.14 -26.19
C THR A 18 3.15 9.13 -26.45
N VAL A 19 3.62 8.26 -27.30
CA VAL A 19 5.02 8.22 -27.57
C VAL A 19 5.44 9.26 -28.55
N LEU A 20 4.65 9.45 -29.59
CA LEU A 20 4.99 10.39 -30.61
C LEU A 20 4.61 11.77 -30.25
N GLU A 21 3.70 11.89 -29.32
CA GLU A 21 3.22 13.22 -29.00
C GLU A 21 2.78 13.33 -27.54
N LYS A 22 3.10 14.45 -26.93
CA LYS A 22 2.71 14.65 -25.55
C LYS A 22 1.50 15.55 -25.48
N ASN A 23 0.75 15.44 -24.39
CA ASN A 23 -0.27 16.41 -24.12
C ASN A 23 -1.42 16.53 -25.14
N VAL A 24 -2.08 15.40 -25.40
CA VAL A 24 -3.16 15.31 -26.38
C VAL A 24 -4.52 15.37 -25.70
N THR A 25 -5.34 16.33 -26.10
CA THR A 25 -6.69 16.47 -25.57
C THR A 25 -7.60 15.41 -26.17
N VAL A 26 -8.30 14.68 -25.31
CA VAL A 26 -9.11 13.55 -25.73
C VAL A 26 -10.53 13.63 -25.19
N THR A 27 -11.47 12.89 -25.79
CA THR A 27 -12.88 12.95 -25.39
C THR A 27 -13.17 12.16 -24.12
N HIS A 28 -12.49 11.03 -23.98
CA HIS A 28 -12.64 10.14 -22.85
C HIS A 28 -11.31 9.63 -22.35
N SER A 29 -11.23 9.22 -21.10
CA SER A 29 -9.97 8.73 -20.56
C SER A 29 -10.10 8.24 -19.15
N VAL A 30 -9.26 7.30 -18.75
CA VAL A 30 -9.30 6.75 -17.41
C VAL A 30 -8.05 6.97 -16.61
N ASN A 31 -8.19 7.46 -15.39
CA ASN A 31 -7.06 7.67 -14.52
C ASN A 31 -6.77 6.41 -13.77
N LEU A 32 -5.54 5.99 -13.82
CA LEU A 32 -5.13 4.74 -13.19
C LEU A 32 -4.33 4.96 -11.91
N LEU A 33 -4.01 6.21 -11.61
CA LEU A 33 -3.12 6.55 -10.49
C LEU A 33 -3.86 7.23 -9.35
N GLU A 34 -3.95 6.55 -8.21
CA GLU A 34 -4.57 7.11 -7.00
C GLU A 34 -3.62 8.05 -6.27
N ASP A 35 -4.10 9.24 -5.95
CA ASP A 35 -3.25 10.23 -5.29
C ASP A 35 -3.91 10.90 -4.09
N SER A 36 -5.01 10.31 -3.63
CA SER A 36 -5.78 10.89 -2.54
C SER A 36 -5.84 9.97 -1.32
N HIS A 37 -5.66 10.56 -0.13
CA HIS A 37 -5.83 9.82 1.12
C HIS A 37 -6.63 10.67 2.10
N ASN A 38 -7.19 10.03 3.13
CA ASN A 38 -8.09 10.72 4.06
C ASN A 38 -7.39 11.32 5.29
N GLY A 39 -6.06 11.17 5.35
CA GLY A 39 -5.26 11.77 6.40
C GLY A 39 -5.49 11.23 7.79
N LYS A 40 -6.12 10.06 7.90
CA LYS A 40 -6.46 9.48 9.19
C LYS A 40 -5.91 8.07 9.37
N LEU A 41 -5.72 7.67 10.62
CA LEU A 41 -5.47 6.26 10.93
C LEU A 41 -6.82 5.58 11.10
N CYS A 42 -7.03 4.47 10.39
CA CYS A 42 -8.31 3.79 10.41
C CYS A 42 -8.17 2.32 10.82
N ARG A 43 -9.34 1.70 11.04
CA ARG A 43 -9.41 0.27 11.19
C ARG A 43 -9.07 -0.40 9.88
N LEU A 44 -8.43 -1.56 9.95
CA LEU A 44 -8.09 -2.32 8.76
C LEU A 44 -8.90 -3.61 8.73
N LYS A 45 -9.85 -3.68 7.81
CA LYS A 45 -10.78 -4.80 7.73
C LYS A 45 -11.46 -5.04 9.07
N GLY A 46 -11.84 -3.96 9.74
CA GLY A 46 -12.62 -4.05 10.96
C GLY A 46 -11.83 -4.28 12.23
N ILE A 47 -10.52 -4.19 12.16
CA ILE A 47 -9.67 -4.38 13.33
C ILE A 47 -8.80 -3.15 13.57
N ALA A 48 -8.89 -2.59 14.76
CA ALA A 48 -8.14 -1.38 15.11
C ALA A 48 -6.65 -1.69 15.26
N PRO A 49 -5.79 -0.70 15.04
CA PRO A 49 -4.35 -0.88 15.19
C PRO A 49 -3.89 -0.83 16.64
N LEU A 50 -2.66 -1.28 16.88
CA LEU A 50 -2.05 -1.15 18.20
C LEU A 50 -1.23 0.14 18.23
N GLN A 51 -1.68 1.10 19.03
CA GLN A 51 -1.00 2.37 19.18
C GLN A 51 -0.18 2.40 20.47
N LEU A 52 1.09 2.76 20.36
CA LEU A 52 1.99 2.65 21.50
C LEU A 52 2.14 3.98 22.26
N GLY A 53 1.43 5.00 21.79
CA GLY A 53 1.41 6.29 22.46
C GLY A 53 2.78 6.93 22.53
N LYS A 54 3.29 7.10 23.75
CA LYS A 54 4.58 7.75 23.98
C LYS A 54 5.73 6.76 23.84
N CYS A 55 5.41 5.47 23.78
CA CYS A 55 6.42 4.42 23.70
C CYS A 55 6.74 3.94 22.30
N ASN A 56 7.93 3.40 22.13
CA ASN A 56 8.26 2.57 20.99
C ASN A 56 8.09 1.11 21.41
N ILE A 57 8.53 0.17 20.57
CA ILE A 57 8.40 -1.25 20.88
C ILE A 57 9.16 -1.61 22.16
N ALA A 58 10.37 -1.10 22.30
CA ALA A 58 11.21 -1.38 23.48
C ALA A 58 10.55 -0.93 24.78
N GLY A 59 10.05 0.31 24.77
CA GLY A 59 9.43 0.89 25.95
C GLY A 59 8.17 0.15 26.35
N TRP A 60 7.39 -0.28 25.37
CA TRP A 60 6.18 -1.04 25.63
C TRP A 60 6.48 -2.43 26.15
N LEU A 61 7.47 -3.09 25.56
CA LEU A 61 7.76 -4.47 25.91
C LEU A 61 8.44 -4.60 27.26
N LEU A 62 9.31 -3.64 27.58
CA LEU A 62 10.02 -3.68 28.85
C LEU A 62 9.11 -3.20 29.99
N GLY A 63 8.14 -2.37 29.65
CA GLY A 63 7.20 -1.85 30.63
C GLY A 63 7.64 -0.53 31.23
N ASN A 64 8.07 0.39 30.37
CA ASN A 64 8.44 1.74 30.80
C ASN A 64 7.28 2.43 31.52
N PRO A 65 7.51 2.91 32.74
CA PRO A 65 6.50 3.51 33.63
C PRO A 65 5.80 4.75 33.07
N GLU A 66 6.42 5.42 32.10
CA GLU A 66 5.89 6.70 31.62
C GLU A 66 4.71 6.57 30.66
N CYS A 67 4.65 5.39 30.05
CA CYS A 67 3.68 4.99 29.07
C CYS A 67 2.41 4.47 29.73
N ASP A 68 1.26 5.00 29.37
CA ASP A 68 0.02 4.52 29.97
C ASP A 68 -0.07 3.04 29.77
N PRO A 69 -0.57 2.33 30.76
CA PRO A 69 -0.68 0.87 30.69
C PRO A 69 -1.83 0.42 29.81
N LEU A 70 -1.55 -0.54 28.93
CA LEU A 70 -2.56 -1.05 28.02
C LEU A 70 -3.43 -2.08 28.72
N LEU A 71 -4.57 -2.41 28.12
CA LEU A 71 -5.41 -3.47 28.64
C LEU A 71 -4.62 -4.78 28.61
N PRO A 72 -4.99 -5.75 29.46
CA PRO A 72 -4.21 -6.99 29.58
C PRO A 72 -4.11 -7.77 28.27
N VAL A 73 -5.17 -7.73 27.47
CA VAL A 73 -5.23 -8.44 26.21
C VAL A 73 -5.52 -7.49 25.07
N ARG A 74 -4.73 -7.59 24.00
CA ARG A 74 -4.99 -6.77 22.83
C ARG A 74 -4.91 -7.58 21.53
N SER A 75 -5.69 -7.16 20.55
CA SER A 75 -5.64 -7.71 19.19
C SER A 75 -5.64 -6.56 18.20
N TRP A 76 -4.80 -6.64 17.17
CA TRP A 76 -4.67 -5.52 16.24
C TRP A 76 -4.41 -5.96 14.81
N SER A 77 -4.40 -5.00 13.90
CA SER A 77 -4.18 -5.26 12.48
C SER A 77 -2.84 -4.70 12.01
N TYR A 78 -2.31 -3.75 12.76
CA TYR A 78 -0.98 -3.19 12.52
C TYR A 78 -0.53 -2.37 13.73
N ILE A 79 0.78 -2.19 13.85
CA ILE A 79 1.32 -1.48 15.00
C ILE A 79 1.81 -0.09 14.60
N VAL A 80 1.45 0.92 15.38
CA VAL A 80 1.84 2.29 15.10
C VAL A 80 2.80 2.85 16.15
N GLU A 81 3.97 3.29 15.69
CA GLU A 81 4.86 4.09 16.54
C GLU A 81 4.76 5.55 16.13
N THR A 82 4.96 6.44 17.09
CA THR A 82 5.00 7.87 16.81
C THR A 82 6.45 8.25 16.52
N PRO A 83 6.66 9.26 15.65
CA PRO A 83 8.02 9.67 15.26
C PRO A 83 8.87 10.11 16.46
N ASN A 84 8.28 10.92 17.32
CA ASN A 84 8.95 11.39 18.52
C ASN A 84 8.66 10.51 19.74
N SER A 85 9.20 9.30 19.74
CA SER A 85 8.99 8.39 20.85
C SER A 85 10.06 8.63 21.91
N GLU A 86 9.72 9.39 22.93
CA GLU A 86 10.69 9.77 23.96
C GLU A 86 10.92 8.64 24.97
N ASN A 87 9.90 7.83 25.20
CA ASN A 87 10.00 6.76 26.18
C ASN A 87 10.28 5.40 25.56
N GLY A 88 11.53 4.96 25.66
CA GLY A 88 11.92 3.63 25.23
C GLY A 88 12.67 2.96 26.35
N ILE A 89 13.90 2.55 26.07
CA ILE A 89 14.79 2.06 27.11
C ILE A 89 15.18 3.21 28.04
N CYS A 90 14.78 3.13 29.30
CA CYS A 90 15.04 4.22 30.23
C CYS A 90 16.32 4.00 31.04
N TYR A 91 16.71 2.74 31.25
CA TYR A 91 18.00 2.47 31.87
C TYR A 91 18.99 2.01 30.81
N PRO A 92 20.10 2.76 30.64
CA PRO A 92 21.04 2.62 29.53
C PRO A 92 21.61 1.22 29.37
N GLY A 93 21.81 0.80 28.12
CA GLY A 93 22.29 -0.54 27.83
C GLY A 93 21.81 -1.04 26.49
N ASP A 94 22.29 -2.19 26.06
CA ASP A 94 21.92 -2.79 24.79
C ASP A 94 20.74 -3.75 24.85
N PHE A 95 19.85 -3.70 23.87
CA PHE A 95 18.72 -4.60 23.80
C PHE A 95 19.08 -5.51 22.65
N ILE A 96 19.58 -6.69 22.97
CA ILE A 96 20.06 -7.69 22.03
C ILE A 96 19.04 -8.23 21.06
N ASP A 97 19.41 -8.32 19.79
CA ASP A 97 18.49 -8.79 18.76
C ASP A 97 17.14 -8.08 18.83
N TYR A 98 17.19 -6.77 19.06
CA TYR A 98 15.99 -5.95 19.12
C TYR A 98 15.25 -5.89 17.77
N GLU A 99 16.03 -5.74 16.70
CA GLU A 99 15.47 -5.63 15.35
C GLU A 99 14.75 -6.93 14.95
N GLU A 100 15.39 -8.05 15.26
CA GLU A 100 14.78 -9.35 15.04
C GLU A 100 13.46 -9.47 15.82
N LEU A 101 13.44 -8.93 17.04
CA LEU A 101 12.24 -8.97 17.86
C LEU A 101 11.11 -8.15 17.22
N ARG A 102 11.44 -6.97 16.71
CA ARG A 102 10.46 -6.17 15.96
C ARG A 102 9.90 -6.95 14.78
N GLU A 103 10.79 -7.65 14.07
CA GLU A 103 10.37 -8.42 12.92
C GLU A 103 9.45 -9.58 13.35
N GLN A 104 9.67 -10.12 14.54
CA GLN A 104 8.77 -11.15 15.08
C GLN A 104 7.41 -10.54 15.35
N LEU A 105 7.41 -9.40 16.04
CA LEU A 105 6.17 -8.69 16.37
C LEU A 105 5.39 -8.27 15.11
N SER A 106 6.08 -8.15 13.98
CA SER A 106 5.43 -7.77 12.73
C SER A 106 4.40 -8.80 12.22
N SER A 107 4.44 -10.02 12.74
CA SER A 107 3.45 -11.03 12.34
C SER A 107 2.62 -11.51 13.53
N VAL A 108 2.66 -10.75 14.62
CA VAL A 108 1.85 -11.04 15.80
C VAL A 108 0.55 -10.25 15.73
N SER A 109 -0.57 -10.92 16.00
CA SER A 109 -1.86 -10.26 15.89
C SER A 109 -2.55 -10.06 17.24
N SER A 110 -1.99 -10.64 18.28
CA SER A 110 -2.59 -10.52 19.61
C SER A 110 -1.58 -10.80 20.72
N PHE A 111 -1.73 -10.11 21.85
CA PHE A 111 -0.96 -10.45 23.05
C PHE A 111 -1.84 -10.52 24.29
N GLU A 112 -1.39 -11.34 25.24
CA GLU A 112 -1.94 -11.39 26.59
C GLU A 112 -0.82 -11.20 27.60
N ARG A 113 -0.85 -10.10 28.32
CA ARG A 113 0.15 -9.82 29.34
C ARG A 113 -0.25 -10.52 30.64
N PHE A 114 0.54 -11.50 31.06
CA PHE A 114 0.23 -12.26 32.27
C PHE A 114 1.45 -12.32 33.19
N GLU A 115 1.20 -12.52 34.48
CA GLU A 115 2.27 -12.58 35.47
C GLU A 115 2.94 -13.96 35.45
N ILE A 116 4.15 -14.02 34.89
CA ILE A 116 4.86 -15.28 34.75
C ILE A 116 5.56 -15.67 36.05
N PHE A 117 6.11 -14.67 36.74
CA PHE A 117 6.74 -14.87 38.05
C PHE A 117 6.22 -13.82 39.04
N PRO A 118 5.25 -14.18 39.84
CA PRO A 118 4.69 -13.23 40.79
C PRO A 118 5.69 -12.64 41.74
N LYS A 119 5.62 -11.32 41.89
CA LYS A 119 6.50 -10.53 42.71
C LYS A 119 6.83 -11.06 44.09
N GLU A 120 5.92 -10.93 45.03
CA GLU A 120 6.17 -11.43 46.36
C GLU A 120 5.62 -12.81 46.27
N SER A 121 6.51 -13.79 46.07
CA SER A 121 6.17 -15.19 45.94
C SER A 121 7.20 -16.02 45.20
N SER A 122 7.98 -15.42 44.30
CA SER A 122 8.90 -16.22 43.49
C SER A 122 10.37 -16.19 43.78
N TRP A 123 10.84 -15.08 44.28
CA TRP A 123 12.25 -14.89 44.64
C TRP A 123 12.41 -14.69 46.13
N PRO A 124 12.19 -15.75 46.92
CA PRO A 124 12.37 -15.62 48.37
C PRO A 124 13.83 -15.35 48.72
N ASN A 125 14.04 -14.75 49.89
CA ASN A 125 15.37 -14.43 50.38
C ASN A 125 16.09 -13.40 49.48
N HIS A 126 15.32 -12.66 48.69
CA HIS A 126 15.86 -11.58 47.88
C HIS A 126 14.97 -10.35 47.94
N ASN A 127 15.55 -9.17 47.81
CA ASN A 127 14.77 -7.95 47.73
C ASN A 127 14.30 -7.70 46.31
N THR A 128 13.09 -7.16 46.18
CA THR A 128 12.46 -6.98 44.89
C THR A 128 12.01 -5.54 44.68
N ASN A 129 12.49 -4.64 45.53
CA ASN A 129 12.01 -3.26 45.55
C ASN A 129 12.95 -2.26 44.86
N GLY A 130 13.95 -2.77 44.17
CA GLY A 130 14.94 -1.94 43.50
C GLY A 130 14.33 -0.99 42.48
N VAL A 131 14.68 0.29 42.57
CA VAL A 131 14.20 1.30 41.64
C VAL A 131 15.34 2.21 41.19
N THR A 132 15.10 3.01 40.15
CA THR A 132 16.12 3.91 39.64
C THR A 132 15.50 5.21 39.13
N ALA A 133 16.33 6.25 39.03
CA ALA A 133 15.86 7.57 38.61
C ALA A 133 15.89 7.72 37.09
N ALA A 134 16.61 6.82 36.42
CA ALA A 134 16.63 6.81 34.97
C ALA A 134 15.26 6.40 34.44
N CYS A 135 14.55 5.61 35.24
CA CYS A 135 13.19 5.19 34.92
C CYS A 135 12.21 5.82 35.89
N SER A 136 12.16 7.14 35.91
CA SER A 136 11.31 7.86 36.85
C SER A 136 9.87 7.91 36.38
N HIS A 137 8.96 8.02 37.34
CA HIS A 137 7.54 8.16 37.03
C HIS A 137 6.91 9.09 38.07
N GLU A 138 6.24 10.15 37.57
CA GLU A 138 5.64 11.15 38.43
C GLU A 138 6.68 11.75 39.38
N GLY A 139 7.89 11.95 38.88
CA GLY A 139 8.97 12.50 39.69
C GLY A 139 9.78 11.47 40.44
N LYS A 140 9.08 10.52 41.08
CA LYS A 140 9.75 9.51 41.89
C LYS A 140 10.54 8.51 41.05
N SER A 141 11.59 7.94 41.63
CA SER A 141 12.35 6.89 40.98
C SER A 141 11.54 5.61 40.90
N SER A 142 11.55 4.96 39.74
CA SER A 142 10.72 3.77 39.53
C SER A 142 11.45 2.72 38.71
N PHE A 143 10.70 1.79 38.12
CA PHE A 143 11.30 0.72 37.33
C PHE A 143 10.31 0.11 36.34
N TYR A 144 10.83 -0.70 35.42
CA TYR A 144 10.03 -1.38 34.42
C TYR A 144 8.89 -2.17 35.05
N ARG A 145 7.69 -2.07 34.46
CA ARG A 145 6.53 -2.78 34.99
C ARG A 145 6.63 -4.28 34.77
N ASN A 146 7.42 -4.69 33.78
CA ASN A 146 7.46 -6.10 33.39
C ASN A 146 8.68 -6.82 33.96
N LEU A 147 9.61 -6.06 34.52
CA LEU A 147 10.83 -6.62 35.08
C LEU A 147 10.95 -6.31 36.57
N LEU A 148 11.83 -7.03 37.25
CA LEU A 148 12.00 -6.91 38.69
C LEU A 148 13.49 -6.91 39.06
N TRP A 149 13.94 -5.83 39.70
CA TRP A 149 15.34 -5.70 40.07
C TRP A 149 15.64 -6.45 41.38
N LEU A 150 16.13 -7.68 41.25
CA LEU A 150 16.49 -8.49 42.41
C LEU A 150 17.83 -8.08 42.99
N THR A 151 17.85 -7.81 44.29
CA THR A 151 19.07 -7.44 45.00
C THR A 151 19.27 -8.29 46.25
N GLU A 152 20.36 -8.04 46.95
CA GLU A 152 20.67 -8.78 48.17
C GLU A 152 19.68 -8.45 49.29
N LYS A 153 19.37 -9.46 50.10
CA LYS A 153 18.50 -9.27 51.27
C LYS A 153 19.21 -9.73 52.54
N GLU A 154 19.22 -8.86 53.55
CA GLU A 154 19.87 -9.14 54.83
C GLU A 154 21.33 -9.54 54.66
N GLY A 155 22.02 -8.84 53.76
CA GLY A 155 23.45 -9.03 53.57
C GLY A 155 23.82 -10.27 52.77
N SER A 156 22.85 -10.89 52.12
CA SER A 156 23.13 -12.10 51.35
C SER A 156 22.29 -12.24 50.08
N TYR A 157 22.91 -12.79 49.04
CA TYR A 157 22.21 -13.08 47.80
C TYR A 157 22.35 -14.56 47.50
N PRO A 158 21.42 -15.37 48.03
CA PRO A 158 21.42 -16.81 47.81
C PRO A 158 21.16 -17.16 46.35
N LYS A 159 21.73 -18.25 45.86
CA LYS A 159 21.47 -18.69 44.50
C LYS A 159 20.00 -19.03 44.31
N LEU A 160 19.37 -18.35 43.36
CA LEU A 160 17.98 -18.63 43.00
C LEU A 160 17.93 -19.52 41.78
N LYS A 161 16.83 -20.27 41.67
CA LYS A 161 16.57 -21.11 40.52
C LYS A 161 15.06 -21.31 40.37
N ASN A 162 14.46 -20.60 39.43
CA ASN A 162 13.02 -20.68 39.22
C ASN A 162 12.69 -21.04 37.78
N SER A 163 11.49 -21.57 37.55
CA SER A 163 11.14 -21.98 36.20
C SER A 163 9.66 -21.77 35.87
N TYR A 164 9.38 -21.66 34.58
CA TYR A 164 8.01 -21.55 34.12
C TYR A 164 7.72 -22.56 33.02
N VAL A 165 6.60 -23.26 33.17
CA VAL A 165 6.14 -24.19 32.15
C VAL A 165 5.02 -23.56 31.34
N ASN A 166 5.18 -23.50 30.02
CA ASN A 166 4.23 -22.81 29.16
C ASN A 166 3.00 -23.68 28.86
N LYS A 167 1.89 -23.33 29.50
CA LYS A 167 0.64 -24.05 29.29
C LYS A 167 -0.43 -23.13 28.73
N LYS A 168 0.02 -22.08 28.03
CA LYS A 168 -0.88 -21.13 27.39
C LYS A 168 -1.40 -21.65 26.06
N GLY A 169 -0.68 -22.62 25.48
CA GLY A 169 -1.03 -23.14 24.17
C GLY A 169 -0.59 -22.19 23.06
N LYS A 170 0.26 -21.23 23.41
CA LYS A 170 0.83 -20.31 22.45
C LYS A 170 2.27 -19.96 22.82
N GLU A 171 2.99 -19.37 21.87
CA GLU A 171 4.33 -18.86 22.11
C GLU A 171 4.30 -17.86 23.26
N VAL A 172 5.30 -17.91 24.12
CA VAL A 172 5.39 -16.93 25.18
C VAL A 172 6.70 -16.13 25.12
N LEU A 173 6.58 -14.85 24.79
CA LEU A 173 7.71 -13.93 24.81
C LEU A 173 8.13 -13.62 26.24
N VAL A 174 9.34 -14.07 26.59
CA VAL A 174 9.92 -13.80 27.89
C VAL A 174 11.10 -12.84 27.75
N LEU A 175 11.08 -11.77 28.53
CA LEU A 175 12.18 -10.79 28.53
C LEU A 175 12.86 -10.74 29.88
N TRP A 176 14.18 -10.51 29.88
CA TRP A 176 14.89 -10.28 31.12
C TRP A 176 16.05 -9.32 30.90
N GLY A 177 16.76 -9.02 31.98
CA GLY A 177 17.87 -8.08 31.92
C GLY A 177 19.04 -8.52 32.76
N ILE A 178 20.22 -8.02 32.39
CA ILE A 178 21.46 -8.30 33.10
C ILE A 178 22.11 -6.98 33.47
N HIS A 179 22.31 -6.76 34.76
CA HIS A 179 22.85 -5.48 35.22
C HIS A 179 24.38 -5.52 35.32
N HIS A 180 25.02 -4.40 34.94
CA HIS A 180 26.47 -4.28 34.97
C HIS A 180 26.87 -3.02 35.73
N PRO A 181 27.15 -3.16 37.04
CA PRO A 181 27.65 -2.07 37.88
C PRO A 181 28.98 -1.51 37.38
N PRO A 182 29.24 -0.23 37.65
CA PRO A 182 30.47 0.45 37.23
C PRO A 182 31.69 0.07 38.09
N ASN A 183 31.47 -0.42 39.31
CA ASN A 183 32.57 -0.84 40.18
C ASN A 183 32.23 -2.07 41.01
N SER A 184 33.24 -2.69 41.59
CA SER A 184 33.05 -3.93 42.35
C SER A 184 32.42 -3.67 43.71
N LYS A 185 32.58 -2.44 44.21
CA LYS A 185 31.97 -2.05 45.46
C LYS A 185 30.44 -2.13 45.36
N GLU A 186 29.91 -1.58 44.27
CA GLU A 186 28.46 -1.60 44.04
C GLU A 186 28.00 -3.02 43.74
N GLN A 187 28.81 -3.77 43.01
CA GLN A 187 28.54 -5.19 42.74
C GLN A 187 28.36 -5.98 44.04
N GLN A 188 29.23 -5.72 45.01
CA GLN A 188 29.13 -6.37 46.30
C GLN A 188 27.94 -5.87 47.11
N ASN A 189 27.72 -4.56 47.09
CA ASN A 189 26.62 -3.98 47.86
C ASN A 189 25.25 -4.43 47.35
N LEU A 190 25.18 -4.82 46.08
CA LEU A 190 23.92 -5.21 45.46
C LEU A 190 23.71 -6.72 45.44
N TYR A 191 24.78 -7.46 45.16
CA TYR A 191 24.62 -8.89 44.90
C TYR A 191 25.55 -9.76 45.74
N GLN A 192 26.39 -9.12 46.55
CA GLN A 192 27.19 -9.81 47.57
C GLN A 192 28.13 -10.89 47.02
N ASN A 193 28.19 -11.03 45.71
CA ASN A 193 29.10 -11.98 45.07
C ASN A 193 29.80 -11.29 43.91
N GLU A 194 31.13 -11.30 43.92
CA GLU A 194 31.89 -10.66 42.85
C GLU A 194 31.96 -11.54 41.62
N ASN A 195 31.86 -12.85 41.83
CA ASN A 195 31.85 -13.81 40.72
C ASN A 195 30.45 -14.32 40.44
N ALA A 196 29.55 -13.40 40.11
CA ALA A 196 28.17 -13.75 39.86
C ALA A 196 27.95 -14.24 38.44
N TYR A 197 26.81 -14.87 38.21
CA TYR A 197 26.44 -15.35 36.88
C TYR A 197 24.93 -15.52 36.76
N VAL A 198 24.43 -15.44 35.53
CA VAL A 198 23.03 -15.69 35.24
C VAL A 198 22.91 -16.73 34.14
N SER A 199 21.99 -17.68 34.30
CA SER A 199 21.80 -18.74 33.34
C SER A 199 20.34 -18.85 32.95
N VAL A 200 20.08 -18.85 31.64
CA VAL A 200 18.72 -18.96 31.13
C VAL A 200 18.65 -20.08 30.10
N VAL A 201 17.80 -21.07 30.35
CA VAL A 201 17.69 -22.19 29.42
C VAL A 201 16.25 -22.57 29.08
N THR A 202 16.05 -23.06 27.86
CA THR A 202 14.81 -23.73 27.47
C THR A 202 15.22 -24.97 26.71
N SER A 203 14.31 -25.54 25.94
CA SER A 203 14.65 -26.70 25.13
C SER A 203 15.53 -26.32 23.94
N ASN A 204 15.44 -25.06 23.51
CA ASN A 204 16.17 -24.64 22.33
C ASN A 204 17.00 -23.38 22.56
N TYR A 205 16.88 -22.81 23.75
CA TYR A 205 17.64 -21.62 24.12
C TYR A 205 18.58 -21.98 25.27
N ASN A 206 19.79 -21.41 25.25
CA ASN A 206 20.82 -21.76 26.20
C ASN A 206 21.87 -20.66 26.32
N ARG A 207 21.69 -19.74 27.27
CA ARG A 207 22.66 -18.67 27.38
C ARG A 207 23.10 -18.36 28.81
N ARG A 208 24.37 -17.98 28.94
CA ARG A 208 24.97 -17.63 30.22
C ARG A 208 25.55 -16.23 30.18
N PHE A 209 25.31 -15.47 31.24
CA PHE A 209 25.65 -14.06 31.31
C PHE A 209 26.55 -13.77 32.50
N THR A 210 27.61 -13.01 32.24
CA THR A 210 28.59 -12.64 33.25
C THR A 210 28.70 -11.13 33.38
N PRO A 211 28.64 -10.63 34.63
CA PRO A 211 28.85 -9.19 34.88
C PRO A 211 30.21 -8.74 34.38
N GLU A 212 30.24 -7.59 33.72
CA GLU A 212 31.48 -6.99 33.28
C GLU A 212 31.59 -5.59 33.86
N ILE A 213 32.42 -5.45 34.89
CA ILE A 213 32.54 -4.23 35.67
C ILE A 213 33.61 -3.30 35.12
N ALA A 214 33.22 -2.06 34.82
CA ALA A 214 34.13 -1.02 34.38
C ALA A 214 33.45 0.33 34.47
N GLU A 215 34.23 1.39 34.69
CA GLU A 215 33.68 2.74 34.72
C GLU A 215 33.26 3.14 33.30
N ARG A 216 32.10 3.76 33.17
CA ARG A 216 31.56 4.12 31.86
C ARG A 216 31.03 5.54 31.88
N PRO A 217 31.07 6.21 30.72
CA PRO A 217 30.48 7.55 30.60
C PRO A 217 29.01 7.52 31.02
N LYS A 218 28.56 8.57 31.69
CA LYS A 218 27.20 8.63 32.19
C LYS A 218 26.20 8.70 31.04
N VAL A 219 25.19 7.84 31.08
CA VAL A 219 24.07 7.93 30.16
C VAL A 219 22.77 7.97 30.97
N ARG A 220 22.00 9.04 30.81
CA ARG A 220 20.86 9.30 31.68
C ARG A 220 21.30 9.27 33.13
N ASP A 221 22.46 9.88 33.37
CA ASP A 221 23.08 9.95 34.70
C ASP A 221 23.37 8.57 35.28
N GLN A 222 23.70 7.61 34.42
CA GLN A 222 24.03 6.26 34.88
C GLN A 222 25.33 5.78 34.26
N ALA A 223 26.24 5.31 35.10
CA ALA A 223 27.52 4.78 34.64
C ALA A 223 27.41 3.27 34.49
N GLY A 224 26.40 2.70 35.13
CA GLY A 224 26.14 1.28 34.99
C GLY A 224 25.40 1.00 33.69
N ARG A 225 25.29 -0.27 33.33
CA ARG A 225 24.57 -0.65 32.14
C ARG A 225 23.56 -1.74 32.44
N MET A 226 22.62 -1.95 31.52
CA MET A 226 21.65 -3.01 31.66
C MET A 226 21.35 -3.60 30.28
N ASN A 227 21.74 -4.84 30.07
CA ASN A 227 21.53 -5.48 28.77
C ASN A 227 20.22 -6.27 28.78
N TYR A 228 19.42 -6.09 27.74
CA TYR A 228 18.11 -6.71 27.70
C TYR A 228 18.06 -7.87 26.72
N TYR A 229 17.49 -8.99 27.17
CA TYR A 229 17.44 -10.20 26.38
C TYR A 229 16.00 -10.72 26.31
N TRP A 230 15.75 -11.59 25.35
CA TRP A 230 14.41 -12.13 25.12
C TRP A 230 14.47 -13.49 24.47
N THR A 231 13.42 -14.28 24.65
CA THR A 231 13.29 -15.53 23.93
C THR A 231 11.82 -15.91 23.81
N LEU A 232 11.49 -16.66 22.77
CA LEU A 232 10.14 -17.16 22.57
C LEU A 232 10.04 -18.59 23.05
N LEU A 233 9.30 -18.79 24.13
CA LEU A 233 9.13 -20.10 24.74
C LEU A 233 7.98 -20.83 24.06
N LYS A 234 8.30 -21.94 23.40
CA LYS A 234 7.30 -22.70 22.66
C LYS A 234 6.26 -23.34 23.58
N PRO A 235 5.05 -23.61 23.05
CA PRO A 235 4.00 -24.26 23.84
C PRO A 235 4.48 -25.56 24.48
N GLY A 236 4.23 -25.71 25.77
CA GLY A 236 4.61 -26.92 26.48
C GLY A 236 6.03 -26.91 27.01
N ASP A 237 6.87 -26.04 26.49
CA ASP A 237 8.27 -26.00 26.89
C ASP A 237 8.43 -25.26 28.22
N THR A 238 9.61 -25.43 28.83
CA THR A 238 9.91 -24.86 30.12
C THR A 238 11.14 -23.94 30.05
N ILE A 239 11.03 -22.76 30.65
CA ILE A 239 12.20 -21.88 30.78
C ILE A 239 12.70 -21.90 32.22
N ILE A 240 14.02 -21.93 32.38
CA ILE A 240 14.65 -21.97 33.69
C ILE A 240 15.65 -20.84 33.86
N PHE A 241 15.44 -20.04 34.90
CA PHE A 241 16.37 -18.99 35.33
C PHE A 241 17.14 -19.45 36.56
N GLU A 242 18.43 -19.17 36.56
CA GLU A 242 19.29 -19.53 37.69
C GLU A 242 20.35 -18.45 37.88
N ALA A 243 20.46 -17.90 39.09
CA ALA A 243 21.43 -16.81 39.26
C ALA A 243 21.88 -16.59 40.70
N ASN A 244 23.05 -15.99 40.86
CA ASN A 244 23.49 -15.55 42.18
C ASN A 244 23.85 -14.07 42.15
N GLY A 245 23.22 -13.33 41.24
CA GLY A 245 23.41 -11.90 41.15
C GLY A 245 23.16 -11.33 39.77
N ASN A 246 22.90 -10.03 39.72
CA ASN A 246 22.83 -9.26 38.47
C ASN A 246 21.62 -9.54 37.59
N LEU A 247 20.76 -10.45 38.01
CA LEU A 247 19.58 -10.77 37.21
C LEU A 247 18.47 -9.75 37.40
N ILE A 248 18.08 -9.10 36.31
CA ILE A 248 16.85 -8.31 36.27
C ILE A 248 15.74 -9.23 35.80
N ALA A 249 15.02 -9.81 36.77
CA ALA A 249 14.15 -10.94 36.51
C ALA A 249 12.88 -10.56 35.74
N PRO A 250 12.31 -11.52 35.01
CA PRO A 250 10.99 -11.31 34.41
C PRO A 250 9.89 -11.38 35.47
N MET A 251 8.86 -10.55 35.31
CA MET A 251 7.70 -10.60 36.17
C MET A 251 6.44 -10.80 35.35
N TYR A 252 6.32 -10.06 34.24
CA TYR A 252 5.23 -10.26 33.29
C TYR A 252 5.80 -10.67 31.94
N ALA A 253 5.09 -11.56 31.25
CA ALA A 253 5.51 -12.06 29.94
C ALA A 253 4.34 -11.96 28.96
N PHE A 254 4.56 -12.29 27.69
CA PHE A 254 3.48 -12.11 26.71
C PHE A 254 3.10 -13.38 25.96
N ALA A 255 1.84 -13.79 26.06
CA ALA A 255 1.35 -14.89 25.24
C ALA A 255 0.94 -14.34 23.88
N LEU A 256 1.53 -14.90 22.82
CA LEU A 256 1.44 -14.29 21.49
C LEU A 256 0.71 -15.16 20.48
N SER A 257 -0.06 -14.51 19.63
CA SER A 257 -0.79 -15.13 18.55
C SER A 257 -0.29 -14.64 17.22
N ARG A 258 -0.14 -15.52 16.24
CA ARG A 258 0.37 -15.13 14.93
C ARG A 258 -0.75 -14.77 13.96
N GLY A 259 -0.48 -13.82 13.08
CA GLY A 259 -1.45 -13.44 12.06
C GLY A 259 -0.78 -13.05 10.75
N PHE A 260 -1.55 -12.61 9.79
CA PHE A 260 -1.01 -12.19 8.53
C PHE A 260 -1.37 -10.77 8.19
N GLY A 261 -0.58 -10.19 7.30
CA GLY A 261 -0.80 -8.84 6.82
C GLY A 261 -0.50 -7.69 7.72
N SER A 262 0.10 -7.95 8.86
CA SER A 262 0.41 -6.90 9.78
C SER A 262 1.75 -6.31 9.50
N GLY A 263 2.11 -5.31 10.27
CA GLY A 263 3.37 -4.63 10.13
C GLY A 263 3.48 -3.51 11.11
N ILE A 264 4.62 -2.88 11.18
CA ILE A 264 4.86 -1.74 12.06
C ILE A 264 5.11 -0.49 11.24
N ILE A 265 4.36 0.56 11.53
CA ILE A 265 4.56 1.83 10.82
C ILE A 265 4.76 3.00 11.78
N THR A 266 5.55 3.97 11.33
CA THR A 266 5.72 5.21 12.05
C THR A 266 4.77 6.26 11.47
N SER A 267 3.85 6.77 12.28
CA SER A 267 2.90 7.75 11.77
C SER A 267 2.58 8.91 12.72
N ASN A 268 2.14 10.00 12.11
CA ASN A 268 1.75 11.21 12.83
C ASN A 268 0.24 11.30 13.00
N ALA A 269 -0.49 10.66 12.09
CA ALA A 269 -1.93 10.88 12.02
C ALA A 269 -2.61 10.30 13.24
N SER A 270 -3.90 10.61 13.37
CA SER A 270 -4.67 10.22 14.53
C SER A 270 -5.65 9.13 14.17
N MET A 271 -6.01 8.32 15.16
CA MET A 271 -7.00 7.29 14.98
C MET A 271 -8.39 7.92 14.91
N HIS A 272 -9.19 7.49 13.94
CA HIS A 272 -10.56 7.97 13.81
C HIS A 272 -11.53 6.80 13.76
N GLU A 273 -12.82 7.09 13.93
CA GLU A 273 -13.84 6.07 13.78
C GLU A 273 -14.14 5.87 12.29
N CYS A 274 -13.30 5.06 11.65
CA CYS A 274 -13.40 4.81 10.21
C CYS A 274 -12.78 3.46 9.87
N ASN A 275 -13.09 2.93 8.70
CA ASN A 275 -12.58 1.64 8.29
C ASN A 275 -12.03 1.69 6.87
N THR A 276 -10.97 0.94 6.62
CA THR A 276 -10.35 0.92 5.31
C THR A 276 -9.79 -0.46 4.96
N LYS A 277 -9.42 -0.63 3.69
CA LYS A 277 -8.77 -1.85 3.25
C LYS A 277 -7.28 -1.61 3.01
N CYS A 278 -6.90 -0.34 2.99
CA CYS A 278 -5.51 0.02 2.75
C CYS A 278 -5.08 1.21 3.62
N GLN A 279 -4.01 1.01 4.39
CA GLN A 279 -3.53 2.03 5.31
C GLN A 279 -2.06 2.41 5.05
N THR A 280 -1.80 3.71 4.95
CA THR A 280 -0.44 4.23 4.82
C THR A 280 -0.13 5.14 6.00
N PRO A 281 1.15 5.41 6.28
CA PRO A 281 1.50 6.29 7.40
C PRO A 281 0.91 7.69 7.29
N LEU A 282 0.52 8.12 6.09
CA LEU A 282 -0.02 9.46 5.88
C LEU A 282 -1.54 9.48 5.99
N GLY A 283 -2.16 8.32 5.78
CA GLY A 283 -3.61 8.23 5.75
C GLY A 283 -4.07 6.99 5.02
N ALA A 284 -5.37 6.73 5.06
CA ALA A 284 -5.97 5.54 4.46
C ALA A 284 -6.37 5.78 3.00
N ILE A 285 -6.23 4.75 2.18
CA ILE A 285 -6.60 4.83 0.77
C ILE A 285 -7.85 4.00 0.48
N ASN A 286 -8.85 4.58 -0.16
CA ASN A 286 -10.01 3.81 -0.57
C ASN A 286 -10.07 3.88 -2.06
N SER A 287 -9.48 2.91 -2.71
CA SER A 287 -9.46 2.91 -4.14
C SER A 287 -9.30 1.54 -4.71
N SER A 288 -9.75 1.42 -5.94
CA SER A 288 -9.59 0.18 -6.68
C SER A 288 -8.62 0.38 -7.84
N LEU A 289 -8.00 1.56 -7.90
CA LEU A 289 -7.05 1.87 -8.95
C LEU A 289 -5.77 1.02 -8.79
N PRO A 290 -5.11 0.68 -9.91
CA PRO A 290 -3.94 -0.20 -9.85
C PRO A 290 -2.69 0.45 -9.27
N TYR A 291 -2.54 1.77 -9.36
CA TYR A 291 -1.35 2.45 -8.84
C TYR A 291 -1.67 3.55 -7.83
N GLN A 292 -0.68 3.91 -7.02
CA GLN A 292 -0.77 5.02 -6.09
C GLN A 292 0.60 5.68 -5.93
N ASN A 293 0.62 7.01 -5.78
CA ASN A 293 1.88 7.73 -5.57
C ASN A 293 1.93 8.40 -4.21
N ILE A 294 1.18 7.84 -3.26
CA ILE A 294 1.03 8.44 -1.94
C ILE A 294 2.15 8.04 -0.99
N HIS A 295 2.39 6.73 -0.86
CA HIS A 295 3.42 6.26 0.05
C HIS A 295 3.86 4.83 -0.26
N PRO A 296 5.17 4.55 -0.15
CA PRO A 296 5.75 3.21 -0.33
C PRO A 296 5.38 2.23 0.78
N VAL A 297 5.06 2.75 1.96
CA VAL A 297 4.66 1.90 3.08
C VAL A 297 3.15 1.70 3.10
N THR A 298 2.73 0.45 2.94
CA THR A 298 1.31 0.12 2.88
C THR A 298 0.96 -1.09 3.74
N ILE A 299 -0.24 -1.09 4.30
CA ILE A 299 -0.71 -2.21 5.06
C ILE A 299 -2.06 -2.55 4.50
N GLY A 300 -2.26 -3.80 4.11
CA GLY A 300 -3.53 -4.22 3.57
C GLY A 300 -3.55 -4.45 2.10
N GLU A 301 -4.70 -4.30 1.48
CA GLU A 301 -4.80 -4.47 0.03
C GLU A 301 -4.75 -3.12 -0.65
N CYS A 302 -3.58 -2.79 -1.18
CA CYS A 302 -3.30 -1.45 -1.69
C CYS A 302 -2.87 -1.50 -3.14
N PRO A 303 -3.02 -0.36 -3.85
CA PRO A 303 -2.44 -0.24 -5.19
C PRO A 303 -0.91 -0.24 -5.14
N LYS A 304 -0.26 -0.59 -6.24
CA LYS A 304 1.19 -0.59 -6.30
C LYS A 304 1.76 0.82 -6.29
N TYR A 305 2.74 1.05 -5.43
CA TYR A 305 3.37 2.36 -5.34
C TYR A 305 4.29 2.65 -6.53
N VAL A 306 4.14 3.84 -7.12
CA VAL A 306 5.02 4.29 -8.19
C VAL A 306 5.41 5.75 -7.94
N ARG A 307 6.48 6.21 -8.59
CA ARG A 307 6.91 7.60 -8.44
C ARG A 307 6.15 8.56 -9.36
N SER A 308 5.44 8.01 -10.34
CA SER A 308 4.75 8.80 -11.35
C SER A 308 3.87 9.91 -10.79
N ALA A 309 3.82 11.04 -11.49
CA ALA A 309 2.90 12.10 -11.14
C ALA A 309 1.57 11.91 -11.87
N LYS A 310 1.62 11.18 -12.97
CA LYS A 310 0.44 11.01 -13.81
C LYS A 310 0.45 9.70 -14.58
N LEU A 311 -0.66 8.98 -14.50
CA LEU A 311 -0.87 7.77 -15.29
C LEU A 311 -2.32 7.76 -15.77
N ARG A 312 -2.54 8.38 -16.93
CA ARG A 312 -3.88 8.50 -17.47
C ARG A 312 -4.00 7.81 -18.83
N MET A 313 -4.92 6.88 -18.91
CA MET A 313 -5.15 6.11 -20.11
C MET A 313 -6.28 6.75 -20.94
N VAL A 314 -6.05 6.96 -22.23
CA VAL A 314 -7.12 7.47 -23.09
C VAL A 314 -8.04 6.32 -23.46
N THR A 315 -9.33 6.57 -23.60
CA THR A 315 -10.26 5.57 -24.06
C THR A 315 -11.04 6.16 -25.19
N GLY A 316 -11.28 7.44 -25.14
CA GLY A 316 -12.00 8.09 -26.23
C GLY A 316 -11.12 8.51 -27.39
N LEU A 317 -11.58 9.51 -28.12
CA LEU A 317 -10.92 9.97 -29.33
C LEU A 317 -10.12 11.24 -29.11
N ARG A 318 -9.25 11.54 -30.06
CA ARG A 318 -8.61 12.84 -30.14
C ARG A 318 -9.72 13.90 -30.31
N ASN A 319 -9.81 14.82 -29.36
CA ASN A 319 -10.95 15.74 -29.28
C ASN A 319 -10.77 17.02 -30.10
N ILE A 320 -11.50 17.14 -31.20
CA ILE A 320 -11.34 18.29 -32.11
C ILE A 320 -12.68 18.97 -32.37
N PRO A 321 -13.14 19.79 -31.42
CA PRO A 321 -14.44 20.48 -31.52
C PRO A 321 -14.47 21.57 -32.60
N SER A 322 -13.32 21.86 -33.19
CA SER A 322 -13.20 22.90 -34.22
C SER A 322 -14.18 22.70 -35.37
N GLY B 1 -3.07 10.97 -37.86
CA GLY B 1 -2.88 9.64 -37.30
C GLY B 1 -2.42 8.65 -38.34
N LEU B 2 -2.27 7.40 -37.91
CA LEU B 2 -1.69 6.34 -38.74
C LEU B 2 -2.56 6.01 -39.96
N PHE B 3 -3.87 6.19 -39.85
CA PHE B 3 -4.75 5.80 -40.95
C PHE B 3 -5.32 7.00 -41.70
N GLY B 4 -4.96 8.20 -41.26
CA GLY B 4 -5.23 9.39 -42.03
C GLY B 4 -6.64 9.97 -42.01
N ALA B 5 -7.53 9.40 -41.19
CA ALA B 5 -8.90 9.87 -41.11
C ALA B 5 -9.08 10.97 -40.05
N ILE B 6 -8.97 10.60 -38.78
CA ILE B 6 -9.11 11.55 -37.68
C ILE B 6 -7.99 12.58 -37.76
N ALA B 7 -8.36 13.85 -37.70
CA ALA B 7 -7.44 14.96 -37.91
C ALA B 7 -6.70 14.83 -39.24
N GLY B 8 -7.31 14.11 -40.17
CA GLY B 8 -6.75 13.90 -41.48
C GLY B 8 -7.70 14.44 -42.55
N PHE B 9 -8.20 13.56 -43.41
CA PHE B 9 -9.11 14.01 -44.45
C PHE B 9 -10.49 14.24 -43.88
N ILE B 10 -10.68 13.89 -42.61
CA ILE B 10 -11.85 14.32 -41.86
C ILE B 10 -11.39 15.21 -40.71
N GLU B 11 -11.35 16.51 -40.99
CA GLU B 11 -10.61 17.49 -40.18
C GLU B 11 -10.96 17.53 -38.70
N GLY B 12 -12.26 17.49 -38.38
CA GLY B 12 -12.68 17.67 -37.01
C GLY B 12 -13.78 16.74 -36.58
N GLY B 13 -14.12 16.81 -35.29
CA GLY B 13 -15.16 15.98 -34.73
C GLY B 13 -16.49 16.71 -34.65
N TRP B 14 -17.52 15.97 -34.27
CA TRP B 14 -18.88 16.52 -34.20
C TRP B 14 -19.38 16.61 -32.77
N THR B 15 -19.48 17.83 -32.25
CA THR B 15 -20.09 18.05 -30.95
C THR B 15 -21.57 17.66 -30.97
N GLY B 16 -22.15 17.66 -32.16
CA GLY B 16 -23.57 17.38 -32.33
C GLY B 16 -23.93 15.91 -32.38
N MET B 17 -22.92 15.05 -32.45
CA MET B 17 -23.18 13.62 -32.39
C MET B 17 -22.90 13.15 -30.97
N ILE B 18 -23.96 13.03 -30.17
CA ILE B 18 -23.85 12.85 -28.71
C ILE B 18 -24.09 11.42 -28.25
N ASP B 19 -24.43 10.52 -29.18
CA ASP B 19 -24.80 9.17 -28.80
C ASP B 19 -23.83 8.09 -29.28
N GLY B 20 -22.62 8.48 -29.67
CA GLY B 20 -21.63 7.52 -30.09
C GLY B 20 -20.29 8.11 -30.50
N TRP B 21 -19.29 7.24 -30.64
CA TRP B 21 -17.93 7.64 -31.03
C TRP B 21 -17.82 7.91 -32.52
N TYR B 22 -18.39 7.04 -33.32
CA TYR B 22 -18.33 7.21 -34.75
C TYR B 22 -19.74 7.30 -35.25
N GLY B 23 -19.98 8.10 -36.29
CA GLY B 23 -21.33 8.23 -36.80
C GLY B 23 -21.55 8.92 -38.14
N TYR B 24 -22.81 9.24 -38.41
CA TYR B 24 -23.20 9.88 -39.66
C TYR B 24 -23.86 11.23 -39.45
N HIS B 25 -23.76 12.06 -40.49
CA HIS B 25 -24.62 13.22 -40.63
C HIS B 25 -25.23 13.18 -42.01
N HIS B 26 -26.53 13.45 -42.10
CA HIS B 26 -27.21 13.38 -43.39
C HIS B 26 -27.99 14.65 -43.67
N GLN B 27 -28.22 14.91 -44.95
CA GLN B 27 -29.02 16.03 -45.40
C GLN B 27 -29.85 15.64 -46.63
N ASN B 28 -31.17 15.67 -46.48
CA ASN B 28 -32.07 15.47 -47.61
C ASN B 28 -33.29 16.38 -47.47
N GLU B 29 -34.25 16.19 -48.37
CA GLU B 29 -35.47 16.99 -48.39
C GLU B 29 -36.24 16.96 -47.08
N GLN B 30 -36.34 15.79 -46.47
CA GLN B 30 -37.04 15.63 -45.21
C GLN B 30 -36.33 16.35 -44.06
N GLY B 31 -35.06 16.70 -44.26
CA GLY B 31 -34.30 17.39 -43.24
C GLY B 31 -32.89 16.85 -43.05
N SER B 32 -32.25 17.25 -41.96
CA SER B 32 -30.86 16.84 -41.71
C SER B 32 -30.67 16.34 -40.28
N GLY B 33 -29.54 15.69 -40.01
CA GLY B 33 -29.25 15.25 -38.65
C GLY B 33 -28.09 14.28 -38.43
N TYR B 34 -27.80 14.04 -37.17
CA TYR B 34 -26.71 13.14 -36.76
C TYR B 34 -27.26 11.81 -36.26
N ALA B 35 -26.55 10.73 -36.56
CA ALA B 35 -26.87 9.43 -36.02
C ALA B 35 -25.63 8.55 -35.92
N ALA B 36 -25.24 8.21 -34.70
CA ALA B 36 -24.07 7.38 -34.49
C ALA B 36 -24.27 5.97 -35.04
N ASP B 37 -23.16 5.34 -35.44
CA ASP B 37 -23.17 3.94 -35.83
C ASP B 37 -22.89 3.09 -34.60
N GLN B 38 -23.88 2.33 -34.16
CA GLN B 38 -23.72 1.51 -32.99
C GLN B 38 -22.86 0.26 -33.18
N LYS B 39 -22.91 -0.37 -34.34
CA LYS B 39 -22.12 -1.58 -34.54
C LYS B 39 -20.64 -1.39 -34.32
N SER B 40 -20.12 -0.26 -34.74
CA SER B 40 -18.71 0.06 -34.66
C SER B 40 -18.36 0.67 -33.28
N THR B 41 -19.23 1.55 -32.79
CA THR B 41 -19.04 2.12 -31.46
C THR B 41 -19.01 1.02 -30.40
N GLN B 42 -19.92 0.09 -30.50
CA GLN B 42 -20.00 -1.00 -29.55
C GLN B 42 -18.85 -1.96 -29.68
N ASN B 43 -18.19 -1.96 -30.81
CA ASN B 43 -17.08 -2.86 -31.01
C ASN B 43 -15.87 -2.25 -30.41
N ALA B 44 -15.77 -0.95 -30.57
CA ALA B 44 -14.67 -0.17 -30.03
C ALA B 44 -14.72 -0.15 -28.51
N ILE B 45 -15.92 0.08 -27.96
CA ILE B 45 -16.14 0.03 -26.52
C ILE B 45 -15.73 -1.34 -25.94
N ASN B 46 -16.14 -2.42 -26.60
CA ASN B 46 -15.75 -3.77 -26.14
C ASN B 46 -14.24 -3.91 -26.09
N GLY B 47 -13.59 -3.52 -27.18
CA GLY B 47 -12.14 -3.58 -27.26
C GLY B 47 -11.44 -2.80 -26.16
N ILE B 48 -11.79 -1.52 -26.03
CA ILE B 48 -11.08 -0.64 -25.10
C ILE B 48 -11.40 -0.99 -23.66
N THR B 49 -12.61 -1.49 -23.41
CA THR B 49 -12.96 -2.02 -22.09
C THR B 49 -12.03 -3.17 -21.77
N ASN B 50 -11.87 -4.08 -22.72
CA ASN B 50 -10.97 -5.21 -22.47
C ASN B 50 -9.49 -4.79 -22.29
N LYS B 51 -9.09 -3.71 -22.97
CA LYS B 51 -7.73 -3.18 -22.81
C LYS B 51 -7.49 -2.59 -21.41
N VAL B 52 -8.41 -1.73 -20.98
CA VAL B 52 -8.33 -1.11 -19.66
C VAL B 52 -8.33 -2.17 -18.57
N ASN B 53 -9.28 -3.09 -18.68
CA ASN B 53 -9.38 -4.17 -17.71
C ASN B 53 -8.15 -5.06 -17.71
N THR B 54 -7.47 -5.20 -18.81
CA THR B 54 -6.30 -6.02 -18.71
C THR B 54 -5.18 -5.23 -18.07
N VAL B 55 -5.11 -3.93 -18.31
CA VAL B 55 -4.05 -3.15 -17.69
C VAL B 55 -4.23 -3.18 -16.21
N ILE B 56 -5.47 -3.20 -15.76
CA ILE B 56 -5.71 -3.28 -14.32
C ILE B 56 -5.42 -4.69 -13.77
N GLU B 57 -5.83 -5.71 -14.51
CA GLU B 57 -5.66 -7.10 -14.09
C GLU B 57 -4.19 -7.51 -13.98
N LYS B 58 -3.36 -7.05 -14.93
CA LYS B 58 -1.95 -7.44 -14.88
C LYS B 58 -1.23 -6.97 -13.63
N MET B 59 -1.71 -5.90 -12.99
CA MET B 59 -1.15 -5.45 -11.72
C MET B 59 -1.83 -6.15 -10.56
N ASN B 60 -1.09 -7.00 -9.86
CA ASN B 60 -1.64 -7.73 -8.73
C ASN B 60 -1.86 -6.81 -7.54
N ILE B 61 -2.65 -7.27 -6.59
CA ILE B 61 -2.87 -6.54 -5.35
C ILE B 61 -1.55 -6.44 -4.58
N GLN B 62 -1.19 -5.22 -4.19
CA GLN B 62 -0.01 -5.02 -3.37
C GLN B 62 -0.36 -5.27 -1.91
N PHE B 63 0.09 -6.41 -1.39
CA PHE B 63 -0.14 -6.74 0.00
C PHE B 63 0.88 -6.03 0.87
N THR B 64 0.76 -6.22 2.19
CA THR B 64 1.53 -5.48 3.18
C THR B 64 3.02 -5.44 2.89
N ALA B 65 3.57 -4.24 2.87
CA ALA B 65 5.01 -4.03 2.67
C ALA B 65 5.48 -2.85 3.52
N VAL B 66 6.21 -3.14 4.59
CA VAL B 66 6.73 -2.10 5.48
C VAL B 66 8.25 -2.18 5.60
N GLY B 67 8.85 -1.13 6.16
CA GLY B 67 10.30 -1.09 6.32
C GLY B 67 10.80 -1.99 7.43
N LYS B 68 12.11 -2.24 7.42
CA LYS B 68 12.75 -2.98 8.50
C LYS B 68 13.79 -2.07 9.17
N GLU B 69 14.30 -2.49 10.32
CA GLU B 69 15.32 -1.73 11.02
C GLU B 69 16.59 -2.54 11.20
N PHE B 70 17.72 -1.85 11.25
CA PHE B 70 19.03 -2.46 11.35
C PHE B 70 19.88 -1.70 12.34
N ASN B 71 20.72 -2.41 13.10
CA ASN B 71 21.59 -1.74 14.05
C ASN B 71 22.80 -1.12 13.35
N LYS B 72 23.62 -0.43 14.12
CA LYS B 72 24.74 0.34 13.57
C LYS B 72 25.82 -0.55 12.97
N LEU B 73 25.75 -1.85 13.24
CA LEU B 73 26.72 -2.78 12.68
C LEU B 73 26.09 -3.64 11.58
N GLU B 74 24.99 -3.16 10.98
CA GLU B 74 24.36 -3.88 9.87
C GLU B 74 24.12 -2.94 8.68
N LYS B 75 25.08 -2.07 8.41
CA LYS B 75 24.95 -1.09 7.34
C LYS B 75 24.82 -1.76 5.96
N ARG B 76 25.58 -2.82 5.73
CA ARG B 76 25.54 -3.53 4.46
C ARG B 76 24.15 -4.10 4.18
N MET B 77 23.56 -4.75 5.18
CA MET B 77 22.22 -5.33 5.01
C MET B 77 21.15 -4.26 4.80
N GLU B 78 21.30 -3.13 5.49
CA GLU B 78 20.39 -2.00 5.35
C GLU B 78 20.44 -1.43 3.93
N ASN B 79 21.65 -1.25 3.43
CA ASN B 79 21.85 -0.74 2.08
C ASN B 79 21.41 -1.75 1.03
N LEU B 80 21.48 -3.04 1.35
CA LEU B 80 21.03 -4.05 0.39
C LEU B 80 19.50 -4.06 0.35
N ASN B 81 18.86 -3.88 1.50
CA ASN B 81 17.41 -3.83 1.55
C ASN B 81 16.90 -2.59 0.80
N LYS B 82 17.62 -1.50 0.95
CA LYS B 82 17.27 -0.28 0.28
C LYS B 82 17.47 -0.42 -1.19
N LYS B 83 18.52 -1.12 -1.59
CA LYS B 83 18.82 -1.33 -2.97
C LYS B 83 17.76 -2.13 -3.64
N VAL B 84 17.23 -3.09 -2.91
CA VAL B 84 16.14 -3.93 -3.40
C VAL B 84 14.85 -3.10 -3.58
N ASP B 85 14.52 -2.30 -2.57
CA ASP B 85 13.28 -1.52 -2.63
C ASP B 85 13.31 -0.49 -3.76
N ASP B 86 14.48 0.14 -3.92
CA ASP B 86 14.64 1.18 -4.94
C ASP B 86 14.64 0.56 -6.32
N GLY B 87 15.28 -0.59 -6.46
CA GLY B 87 15.29 -1.28 -7.74
C GLY B 87 13.90 -1.66 -8.21
N PHE B 88 13.16 -2.32 -7.32
CA PHE B 88 11.79 -2.71 -7.67
C PHE B 88 10.94 -1.48 -8.00
N LEU B 89 11.11 -0.42 -7.21
CA LEU B 89 10.35 0.81 -7.49
C LEU B 89 10.66 1.39 -8.88
N ASP B 90 11.96 1.53 -9.21
CA ASP B 90 12.36 1.98 -10.54
C ASP B 90 11.68 1.18 -11.63
N ILE B 91 11.78 -0.14 -11.49
CA ILE B 91 11.26 -1.04 -12.52
C ILE B 91 9.74 -0.87 -12.68
N TRP B 92 9.01 -0.76 -11.58
CA TRP B 92 7.56 -0.65 -11.70
C TRP B 92 7.10 0.72 -12.21
N THR B 93 7.81 1.78 -11.82
CA THR B 93 7.49 3.12 -12.33
C THR B 93 7.70 3.15 -13.86
N TYR B 94 8.85 2.64 -14.28
CA TYR B 94 9.18 2.47 -15.69
C TYR B 94 8.08 1.70 -16.45
N ASN B 95 7.80 0.49 -15.98
CA ASN B 95 6.78 -0.38 -16.59
C ASN B 95 5.43 0.31 -16.74
N ALA B 96 4.96 0.93 -15.65
CA ALA B 96 3.66 1.60 -15.65
C ALA B 96 3.60 2.73 -16.69
N GLU B 97 4.58 3.64 -16.61
CA GLU B 97 4.55 4.80 -17.51
C GLU B 97 4.66 4.40 -18.99
N LEU B 98 5.54 3.44 -19.26
CA LEU B 98 5.75 2.96 -20.62
C LEU B 98 4.51 2.27 -21.18
N LEU B 99 3.90 1.42 -20.34
CA LEU B 99 2.71 0.69 -20.79
C LEU B 99 1.59 1.67 -21.12
N VAL B 100 1.42 2.68 -20.25
CA VAL B 100 0.38 3.67 -20.52
C VAL B 100 0.66 4.44 -21.82
N LEU B 101 1.91 4.89 -22.05
CA LEU B 101 2.22 5.59 -23.31
C LEU B 101 1.94 4.74 -24.56
N LEU B 102 2.47 3.52 -24.56
CA LEU B 102 2.30 2.60 -25.69
C LEU B 102 0.82 2.39 -25.99
N GLU B 103 0.07 2.03 -24.95
CA GLU B 103 -1.33 1.73 -25.15
C GLU B 103 -2.12 2.95 -25.60
N ASN B 104 -1.77 4.14 -25.10
CA ASN B 104 -2.42 5.38 -25.57
C ASN B 104 -2.23 5.59 -27.08
N GLU B 105 -0.97 5.43 -27.52
CA GLU B 105 -0.68 5.54 -28.96
C GLU B 105 -1.57 4.57 -29.75
N ARG B 106 -1.55 3.31 -29.32
CA ARG B 106 -2.33 2.29 -30.03
C ARG B 106 -3.84 2.56 -30.01
N THR B 107 -4.33 3.21 -28.95
CA THR B 107 -5.74 3.48 -28.81
C THR B 107 -6.17 4.57 -29.81
N LEU B 108 -5.39 5.64 -29.88
CA LEU B 108 -5.71 6.66 -30.87
C LEU B 108 -5.67 6.09 -32.30
N ASP B 109 -4.64 5.29 -32.57
CA ASP B 109 -4.56 4.63 -33.89
C ASP B 109 -5.79 3.76 -34.18
N PHE B 110 -6.22 3.03 -33.17
CA PHE B 110 -7.39 2.15 -33.25
C PHE B 110 -8.64 2.92 -33.64
N HIS B 111 -8.84 4.07 -32.99
CA HIS B 111 -9.97 4.93 -33.34
C HIS B 111 -9.90 5.41 -34.79
N ASP B 112 -8.71 5.87 -35.16
CA ASP B 112 -8.48 6.37 -36.52
C ASP B 112 -8.86 5.30 -37.55
N SER B 113 -8.43 4.08 -37.28
CA SER B 113 -8.73 2.93 -38.12
C SER B 113 -10.21 2.63 -38.19
N ASN B 114 -10.91 2.74 -37.06
CA ASN B 114 -12.35 2.50 -37.06
C ASN B 114 -13.09 3.51 -37.96
N VAL B 115 -12.72 4.78 -37.84
CA VAL B 115 -13.34 5.81 -38.67
C VAL B 115 -13.06 5.59 -40.17
N LYS B 116 -11.79 5.30 -40.48
CA LYS B 116 -11.46 5.03 -41.88
C LYS B 116 -12.24 3.83 -42.43
N ASN B 117 -12.27 2.73 -41.67
CA ASN B 117 -12.99 1.54 -42.10
C ASN B 117 -14.48 1.80 -42.32
N LEU B 118 -15.08 2.61 -41.45
CA LEU B 118 -16.49 2.96 -41.64
C LEU B 118 -16.69 3.73 -42.95
N TYR B 119 -15.83 4.74 -43.14
CA TYR B 119 -15.88 5.53 -44.37
C TYR B 119 -15.79 4.65 -45.61
N GLU B 120 -14.81 3.74 -45.62
CA GLU B 120 -14.61 2.85 -46.76
C GLU B 120 -15.79 1.92 -46.98
N LYS B 121 -16.40 1.48 -45.88
CA LYS B 121 -17.57 0.62 -45.97
C LYS B 121 -18.71 1.34 -46.70
N VAL B 122 -18.95 2.59 -46.29
CA VAL B 122 -19.96 3.40 -46.97
C VAL B 122 -19.62 3.62 -48.44
N LYS B 123 -18.38 4.02 -48.71
CA LYS B 123 -17.94 4.28 -50.08
C LYS B 123 -18.18 3.08 -51.00
N SER B 124 -17.79 1.90 -50.51
CA SER B 124 -17.94 0.69 -51.30
C SER B 124 -19.41 0.35 -51.45
N GLN B 125 -20.25 0.69 -50.47
CA GLN B 125 -21.68 0.49 -50.65
C GLN B 125 -22.27 1.40 -51.74
N LEU B 126 -21.83 2.65 -51.79
CA LEU B 126 -22.43 3.64 -52.69
C LEU B 126 -21.91 3.56 -54.13
N LYS B 127 -20.63 3.23 -54.31
CA LYS B 127 -20.04 3.14 -55.65
C LYS B 127 -20.22 4.45 -56.43
N ASN B 128 -20.63 4.36 -57.68
CA ASN B 128 -20.74 5.56 -58.50
C ASN B 128 -22.13 6.21 -58.49
N ASN B 129 -22.96 5.83 -57.53
CA ASN B 129 -24.26 6.49 -57.35
C ASN B 129 -24.10 7.77 -56.55
N ALA B 130 -22.90 8.02 -56.08
CA ALA B 130 -22.59 9.25 -55.36
C ALA B 130 -21.14 9.63 -55.63
N LYS B 131 -20.79 10.87 -55.31
CA LYS B 131 -19.42 11.33 -55.49
C LYS B 131 -18.81 11.80 -54.17
N GLU B 132 -17.52 11.51 -53.99
CA GLU B 132 -16.78 11.95 -52.83
C GLU B 132 -16.49 13.44 -52.93
N ILE B 133 -17.08 14.23 -52.05
CA ILE B 133 -16.87 15.68 -52.08
C ILE B 133 -15.87 16.11 -51.01
N GLY B 134 -15.09 15.17 -50.54
CA GLY B 134 -14.06 15.44 -49.55
C GLY B 134 -14.65 15.60 -48.15
N ASN B 135 -13.76 15.68 -47.17
CA ASN B 135 -14.12 15.85 -45.77
C ASN B 135 -15.01 14.71 -45.25
N GLY B 136 -14.92 13.55 -45.89
CA GLY B 136 -15.68 12.39 -45.47
C GLY B 136 -17.15 12.37 -45.90
N CYS B 137 -17.51 13.22 -46.85
CA CYS B 137 -18.90 13.34 -47.27
C CYS B 137 -19.16 12.77 -48.65
N PHE B 138 -20.38 12.32 -48.88
CA PHE B 138 -20.81 11.84 -50.19
C PHE B 138 -22.01 12.63 -50.69
N GLU B 139 -21.97 13.03 -51.96
CA GLU B 139 -23.12 13.68 -52.57
C GLU B 139 -23.81 12.72 -53.53
N PHE B 140 -25.07 12.40 -53.26
CA PHE B 140 -25.81 11.44 -54.08
C PHE B 140 -26.12 11.99 -55.46
N TYR B 141 -26.10 11.11 -56.46
CA TYR B 141 -26.56 11.44 -57.80
C TYR B 141 -28.04 11.11 -57.95
N HIS B 142 -28.71 10.92 -56.82
CA HIS B 142 -30.12 10.60 -56.81
C HIS B 142 -30.76 11.08 -55.52
N LYS B 143 -32.08 11.07 -55.48
CA LYS B 143 -32.79 11.47 -54.26
C LYS B 143 -32.68 10.35 -53.25
N CYS B 144 -32.23 10.69 -52.04
CA CYS B 144 -32.04 9.70 -50.99
C CYS B 144 -32.86 10.12 -49.76
N ASP B 145 -34.06 9.58 -49.63
CA ASP B 145 -34.93 9.91 -48.50
C ASP B 145 -34.45 9.23 -47.21
N ASN B 146 -35.23 9.39 -46.14
CA ASN B 146 -34.86 8.83 -44.85
C ASN B 146 -34.65 7.32 -44.89
N GLU B 147 -35.49 6.64 -45.67
CA GLU B 147 -35.40 5.19 -45.82
C GLU B 147 -34.11 4.78 -46.53
N CYS B 148 -33.77 5.53 -47.58
CA CYS B 148 -32.53 5.33 -48.31
C CYS B 148 -31.32 5.57 -47.39
N MET B 149 -31.32 6.71 -46.71
CA MET B 149 -30.28 7.05 -45.73
C MET B 149 -30.07 5.93 -44.71
N GLU B 150 -31.18 5.43 -44.17
CA GLU B 150 -31.12 4.38 -43.18
C GLU B 150 -30.59 3.09 -43.78
N SER B 151 -30.92 2.83 -45.05
CA SER B 151 -30.38 1.66 -45.73
C SER B 151 -28.87 1.77 -45.85
N VAL B 152 -28.39 2.99 -46.06
CA VAL B 152 -26.95 3.22 -46.09
C VAL B 152 -26.35 2.99 -44.70
N ARG B 153 -26.98 3.53 -43.68
CA ARG B 153 -26.47 3.40 -42.31
C ARG B 153 -26.46 1.98 -41.77
N ASN B 154 -27.44 1.16 -42.14
CA ASN B 154 -27.47 -0.20 -41.59
C ASN B 154 -27.01 -1.23 -42.61
N GLY B 155 -26.30 -0.75 -43.63
CA GLY B 155 -25.55 -1.59 -44.54
C GLY B 155 -26.36 -2.41 -45.54
N THR B 156 -27.50 -1.87 -45.98
CA THR B 156 -28.34 -2.60 -46.93
C THR B 156 -28.70 -1.75 -48.15
N TYR B 157 -27.85 -0.77 -48.46
CA TYR B 157 -28.08 0.12 -49.59
C TYR B 157 -28.28 -0.63 -50.91
N ASP B 158 -29.36 -0.29 -51.61
CA ASP B 158 -29.72 -0.95 -52.86
C ASP B 158 -29.19 -0.18 -54.06
N TYR B 159 -27.98 -0.49 -54.49
CA TYR B 159 -27.35 0.20 -55.62
C TYR B 159 -28.15 0.13 -56.94
N PRO B 160 -28.63 -1.07 -57.35
CA PRO B 160 -29.37 -1.12 -58.62
C PRO B 160 -30.64 -0.27 -58.62
N LYS B 161 -31.27 -0.13 -57.46
CA LYS B 161 -32.52 0.62 -57.30
C LYS B 161 -32.38 2.08 -57.72
N TYR B 162 -31.18 2.64 -57.56
CA TYR B 162 -30.94 4.04 -57.86
C TYR B 162 -29.91 4.22 -58.98
N SER B 163 -29.43 3.09 -59.51
CA SER B 163 -28.39 3.10 -60.54
C SER B 163 -28.78 3.92 -61.78
N GLU B 164 -30.00 3.76 -62.26
CA GLU B 164 -30.46 4.47 -63.45
C GLU B 164 -30.48 5.99 -63.26
N GLU B 165 -31.25 6.42 -62.26
CA GLU B 165 -31.37 7.84 -61.93
C GLU B 165 -30.00 8.48 -61.69
N SER B 166 -29.14 7.73 -61.01
CA SER B 166 -27.78 8.20 -60.75
C SER B 166 -27.00 8.36 -62.03
N LYS B 167 -27.11 7.37 -62.91
CA LYS B 167 -26.43 7.40 -64.21
C LYS B 167 -26.88 8.62 -65.01
N LEU B 168 -28.18 8.92 -64.96
CA LEU B 168 -28.74 10.06 -65.64
C LEU B 168 -28.20 11.38 -65.09
N ASN B 169 -28.21 11.54 -63.76
CA ASN B 169 -27.71 12.78 -63.19
C ASN B 169 -26.19 12.95 -63.37
N ARG B 170 -25.48 11.85 -63.34
CA ARG B 170 -24.04 11.84 -63.54
C ARG B 170 -23.70 12.13 -64.99
N GLU B 171 -24.59 11.69 -65.88
CA GLU B 171 -24.50 11.90 -67.33
C GLU B 171 -23.11 11.61 -67.88
N ARG C 2 -14.27 -3.04 -14.65
CA ARG C 2 -14.71 -1.71 -14.96
C ARG C 2 -15.64 -1.80 -16.11
N LEU C 4 -17.38 0.78 -19.26
CA LEU C 4 -17.35 2.11 -19.89
C LEU C 4 -18.62 2.52 -20.27
N GLU C 5 -19.38 3.26 -19.40
CA GLU C 5 -20.72 3.72 -19.68
C GLU C 5 -20.70 4.97 -20.24
N TYR C 6 -20.24 5.08 -21.52
CA TYR C 6 -20.14 6.38 -22.17
C TYR C 6 -21.21 6.68 -22.94
N PHE C 7 -22.05 5.68 -23.37
CA PHE C 7 -23.21 5.97 -24.22
C PHE C 7 -24.23 5.23 -23.63
N GLU C 8 -25.59 5.53 -23.76
CA GLU C 8 -26.61 4.75 -23.00
C GLU C 8 -27.20 3.67 -23.62
N TRP C 9 -26.69 3.12 -24.75
CA TRP C 9 -27.33 1.95 -25.39
C TRP C 9 -26.47 0.90 -25.46
N LEU C 10 -25.23 0.99 -24.93
CA LEU C 10 -24.24 -0.07 -24.99
C LEU C 10 -24.69 -1.17 -24.30
N SER C 11 -24.17 -2.44 -24.54
CA SER C 11 -24.68 -3.57 -23.76
C SER C 11 -24.18 -3.50 -22.51
#